data_1IUC
#
_entry.id   1IUC
#
_cell.length_a   84.032
_cell.length_b   84.032
_cell.length_c   250.070
_cell.angle_alpha   90.00
_cell.angle_beta   90.00
_cell.angle_gamma   120.00
#
_symmetry.space_group_name_H-M   'P 65 2 2'
#
loop_
_entity.id
_entity.type
_entity.pdbx_description
1 polymer 'Fucose-specific lectin'
2 non-polymer beta-L-fucopyranose
3 non-polymer alpha-L-fucopyranose
4 non-polymer 'SULFATE ION'
5 water water
#
_entity_poly.entity_id   1
_entity_poly.type   'polypeptide(L)'
_entity_poly.pdbx_seq_one_letter_code
;PTEFLYTSKIAAISWAATGGRQQRVYFQDLNGKIREAQRGGDNPWTGGSSQNVIGEAKLFSPLAAVTWKSAQGIQIRVYC
VNKDNILSEFVYDGSKWITGQLGSVGVKVGSNSKLAALQWGGSESAPPNIRVYYQKSNGSGSSIHEYVWSGKWTAGASFG
STVPGTGIGATAIGPGRLRIYYQATDNKIREHCWDSNSWYVGGFSASASAGVSIAAISWGSTPNIRVYWQKGREELYEAA
YGGSWNTPGQIKDASRPTPSLPDTFIAANSSGNIDISVFFQASGVSLQQWQWISGKGWSIGAVVPTGTPAGW
;
_entity_poly.pdbx_strand_id   A
#
loop_
_chem_comp.id
_chem_comp.type
_chem_comp.name
_chem_comp.formula
FUC L-saccharide, alpha linking alpha-L-fucopyranose 'C6 H12 O5'
FUL L-saccharide, beta linking beta-L-fucopyranose 'C6 H12 O5'
SO4 non-polymer 'SULFATE ION' 'O4 S -2'
#
# COMPACT_ATOMS: atom_id res chain seq x y z
N PRO A 1 18.13 6.01 17.78
CA PRO A 1 16.69 5.98 17.41
C PRO A 1 16.36 6.85 16.21
N THR A 2 15.10 6.82 15.78
CA THR A 2 14.67 7.59 14.61
C THR A 2 13.34 8.26 14.92
N GLU A 3 12.77 8.93 13.91
CA GLU A 3 11.49 9.60 14.10
C GLU A 3 10.34 8.81 13.47
N PHE A 4 10.63 7.56 13.10
CA PHE A 4 9.64 6.66 12.50
C PHE A 4 8.74 6.18 13.63
N LEU A 5 7.44 6.39 13.48
CA LEU A 5 6.48 5.98 14.50
C LEU A 5 6.31 4.46 14.49
N TYR A 6 6.47 3.84 15.66
CA TYR A 6 6.30 2.40 15.80
C TYR A 6 4.84 2.02 15.52
N THR A 7 4.67 1.06 14.62
CA THR A 7 3.38 0.55 14.14
C THR A 7 2.68 1.54 13.21
N SER A 8 3.48 2.41 12.62
CA SER A 8 2.98 3.35 11.64
C SER A 8 2.64 2.50 10.40
N LYS A 9 1.64 2.93 9.64
CA LYS A 9 1.30 2.22 8.43
C LYS A 9 2.27 2.73 7.36
N ILE A 10 2.36 2.02 6.24
CA ILE A 10 3.27 2.37 5.17
C ILE A 10 2.55 2.31 3.82
N ALA A 11 2.94 3.19 2.90
CA ALA A 11 2.36 3.22 1.55
C ALA A 11 3.54 3.40 0.61
N ALA A 12 3.54 2.71 -0.52
CA ALA A 12 4.67 2.82 -1.45
C ALA A 12 4.22 2.82 -2.90
N ILE A 13 4.97 3.54 -3.74
CA ILE A 13 4.66 3.58 -5.17
C ILE A 13 5.98 3.61 -5.94
N SER A 14 5.90 3.38 -7.24
CA SER A 14 7.08 3.39 -8.09
C SER A 14 6.65 3.40 -9.55
N TRP A 15 7.51 3.95 -10.40
CA TRP A 15 7.23 3.99 -11.81
C TRP A 15 8.56 3.92 -12.55
N ALA A 16 8.54 3.39 -13.76
CA ALA A 16 9.76 3.29 -14.54
C ALA A 16 9.99 4.67 -15.17
N ALA A 17 11.22 5.13 -15.12
CA ALA A 17 11.54 6.42 -15.69
C ALA A 17 12.85 6.29 -16.42
N THR A 18 13.03 7.09 -17.47
CA THR A 18 14.27 7.04 -18.23
C THR A 18 15.34 7.42 -17.21
N GLY A 19 16.37 6.59 -17.09
CA GLY A 19 17.40 6.89 -16.13
C GLY A 19 17.24 6.09 -14.86
N GLY A 20 16.23 5.22 -14.80
CA GLY A 20 16.05 4.42 -13.61
C GLY A 20 14.70 4.44 -12.91
N ARG A 21 14.44 3.35 -12.20
CA ARG A 21 13.21 3.17 -11.44
C ARG A 21 13.06 4.25 -10.36
N GLN A 22 11.89 4.87 -10.29
CA GLN A 22 11.63 5.88 -9.28
C GLN A 22 10.69 5.31 -8.21
N GLN A 23 11.04 5.51 -6.95
CA GLN A 23 10.23 5.01 -5.83
C GLN A 23 9.97 6.13 -4.82
N ARG A 24 8.80 6.08 -4.19
CA ARG A 24 8.43 7.03 -3.16
C ARG A 24 7.77 6.16 -2.08
N VAL A 25 8.09 6.42 -0.81
CA VAL A 25 7.50 5.67 0.29
C VAL A 25 6.97 6.69 1.28
N TYR A 26 5.80 6.40 1.84
CA TYR A 26 5.16 7.31 2.79
C TYR A 26 4.98 6.64 4.13
N PHE A 27 5.32 7.36 5.20
CA PHE A 27 5.21 6.81 6.55
C PHE A 27 4.93 7.96 7.50
N GLN A 28 4.53 7.63 8.73
CA GLN A 28 4.21 8.65 9.73
C GLN A 28 5.31 8.83 10.77
N ASP A 29 5.54 10.07 11.20
CA ASP A 29 6.56 10.32 12.21
C ASP A 29 5.92 10.44 13.59
N LEU A 30 6.75 10.61 14.61
CA LEU A 30 6.28 10.71 16.00
C LEU A 30 5.24 11.81 16.21
N ASN A 31 5.20 12.81 15.33
CA ASN A 31 4.24 13.91 15.45
C ASN A 31 2.95 13.75 14.69
N GLY A 32 2.79 12.64 13.97
CA GLY A 32 1.56 12.45 13.22
C GLY A 32 1.68 12.94 11.78
N LYS A 33 2.85 13.48 11.44
CA LYS A 33 3.13 13.98 10.10
C LYS A 33 3.45 12.83 9.14
N ILE A 34 2.99 12.94 7.90
CA ILE A 34 3.26 11.93 6.88
C ILE A 34 4.48 12.43 6.11
N ARG A 35 5.55 11.64 6.11
CA ARG A 35 6.79 12.00 5.42
C ARG A 35 6.97 11.18 4.16
N GLU A 36 7.85 11.66 3.27
CA GLU A 36 8.15 10.97 2.03
C GLU A 36 9.65 10.70 1.92
N ALA A 37 10.00 9.52 1.41
CA ALA A 37 11.41 9.19 1.19
C ALA A 37 11.41 8.87 -0.31
N GLN A 38 12.51 9.16 -0.99
CA GLN A 38 12.57 8.93 -2.42
C GLN A 38 13.77 8.11 -2.85
N ARG A 39 13.64 7.42 -3.97
CA ARG A 39 14.75 6.66 -4.52
C ARG A 39 14.71 6.65 -6.03
N GLY A 40 15.87 6.94 -6.64
CA GLY A 40 16.00 6.93 -8.09
C GLY A 40 17.02 5.86 -8.45
N GLY A 41 16.60 4.87 -9.23
CA GLY A 41 17.52 3.83 -9.61
C GLY A 41 18.09 3.10 -8.41
N ASP A 42 19.39 2.87 -8.40
CA ASP A 42 20.03 2.16 -7.29
C ASP A 42 20.72 3.08 -6.32
N ASN A 43 20.61 4.38 -6.54
CA ASN A 43 21.23 5.33 -5.63
C ASN A 43 20.58 5.19 -4.26
N PRO A 44 21.29 5.59 -3.20
CA PRO A 44 20.72 5.49 -1.86
C PRO A 44 19.46 6.34 -1.69
N TRP A 45 18.59 5.93 -0.79
CA TRP A 45 17.35 6.65 -0.50
C TRP A 45 17.63 8.06 -0.01
N THR A 46 16.69 8.97 -0.25
CA THR A 46 16.82 10.34 0.21
C THR A 46 15.50 10.70 0.88
N GLY A 47 15.46 11.86 1.55
CA GLY A 47 14.25 12.29 2.20
C GLY A 47 14.02 11.64 3.55
N GLY A 48 12.75 11.50 3.92
CA GLY A 48 12.41 10.91 5.19
C GLY A 48 12.64 11.81 6.39
N SER A 49 13.03 13.07 6.16
CA SER A 49 13.29 13.99 7.26
C SER A 49 12.11 14.93 7.48
N SER A 50 12.23 15.80 8.48
CA SER A 50 11.17 16.75 8.81
C SER A 50 10.92 17.74 7.68
N GLN A 51 11.84 17.81 6.72
CA GLN A 51 11.68 18.69 5.57
C GLN A 51 10.86 17.99 4.49
N ASN A 52 10.60 16.71 4.69
CA ASN A 52 9.85 15.92 3.72
C ASN A 52 8.42 15.59 4.13
N VAL A 53 7.80 16.52 4.85
CA VAL A 53 6.42 16.35 5.29
C VAL A 53 5.48 16.75 4.17
N ILE A 54 4.51 15.89 3.87
CA ILE A 54 3.56 16.17 2.80
C ILE A 54 2.17 16.39 3.39
N GLY A 55 2.05 16.20 4.69
CA GLY A 55 0.77 16.37 5.33
C GLY A 55 0.74 15.81 6.74
N GLU A 56 -0.45 15.78 7.31
CA GLU A 56 -0.64 15.30 8.67
C GLU A 56 -1.93 14.48 8.75
N ALA A 57 -1.96 13.52 9.67
CA ALA A 57 -3.12 12.67 9.85
C ALA A 57 -3.16 12.29 11.32
N LYS A 58 -4.20 11.59 11.75
CA LYS A 58 -4.27 11.15 13.13
C LYS A 58 -3.09 10.20 13.35
N LEU A 59 -2.69 9.99 14.60
CA LEU A 59 -1.59 9.08 14.88
C LEU A 59 -2.07 7.66 14.58
N PHE A 60 -1.20 6.86 13.99
CA PHE A 60 -1.50 5.47 13.60
C PHE A 60 -2.57 5.39 12.51
N SER A 61 -2.66 6.45 11.73
CA SER A 61 -3.61 6.51 10.63
C SER A 61 -3.23 5.52 9.54
N PRO A 62 -4.23 4.92 8.88
CA PRO A 62 -3.93 3.99 7.80
C PRO A 62 -3.45 4.85 6.62
N LEU A 63 -2.77 4.23 5.68
CA LEU A 63 -2.25 4.94 4.51
C LEU A 63 -2.38 4.13 3.24
N ALA A 64 -2.51 4.82 2.12
CA ALA A 64 -2.60 4.21 0.80
C ALA A 64 -2.14 5.28 -0.19
N ALA A 65 -1.63 4.86 -1.34
CA ALA A 65 -1.15 5.82 -2.32
C ALA A 65 -1.22 5.26 -3.74
N VAL A 66 -1.37 6.15 -4.71
CA VAL A 66 -1.43 5.79 -6.11
C VAL A 66 -0.70 6.85 -6.90
N THR A 67 -0.30 6.51 -8.12
CA THR A 67 0.40 7.46 -8.97
C THR A 67 0.18 7.13 -10.45
N TRP A 68 0.35 8.14 -11.28
CA TRP A 68 0.22 7.97 -12.73
C TRP A 68 0.86 9.20 -13.34
N LYS A 69 1.13 9.14 -14.65
CA LYS A 69 1.75 10.26 -15.33
C LYS A 69 0.67 11.05 -16.06
N SER A 70 0.76 12.37 -16.01
CA SER A 70 -0.22 13.23 -16.68
C SER A 70 0.54 14.28 -17.48
N ALA A 71 -0.20 15.19 -18.11
CA ALA A 71 0.42 16.25 -18.89
C ALA A 71 1.16 17.22 -17.98
N GLN A 72 0.69 17.38 -16.75
CA GLN A 72 1.34 18.29 -15.80
C GLN A 72 2.48 17.61 -15.05
N GLY A 73 2.73 16.35 -15.36
CA GLY A 73 3.81 15.65 -14.69
C GLY A 73 3.35 14.46 -13.89
N ILE A 74 4.16 14.06 -12.92
CA ILE A 74 3.85 12.92 -12.08
C ILE A 74 2.77 13.25 -11.07
N GLN A 75 1.68 12.50 -11.12
CA GLN A 75 0.57 12.69 -10.18
C GLN A 75 0.64 11.66 -9.04
N ILE A 76 0.46 12.12 -7.81
CA ILE A 76 0.45 11.21 -6.67
C ILE A 76 -0.72 11.58 -5.77
N ARG A 77 -1.37 10.56 -5.21
CA ARG A 77 -2.48 10.78 -4.29
C ARG A 77 -2.19 9.92 -3.06
N VAL A 78 -2.25 10.52 -1.89
CA VAL A 78 -2.00 9.81 -0.66
C VAL A 78 -3.24 9.89 0.21
N TYR A 79 -3.74 8.74 0.62
CA TYR A 79 -4.94 8.69 1.44
C TYR A 79 -4.61 8.37 2.90
N CYS A 80 -5.37 9.01 3.79
CA CYS A 80 -5.20 8.84 5.23
C CYS A 80 -6.50 9.30 5.91
N VAL A 81 -6.51 9.36 7.23
CA VAL A 81 -7.70 9.82 7.96
C VAL A 81 -7.26 10.85 9.00
N ASN A 82 -8.11 11.83 9.29
CA ASN A 82 -7.74 12.82 10.29
C ASN A 82 -8.20 12.40 11.68
N LYS A 83 -8.00 13.29 12.66
CA LYS A 83 -8.35 12.98 14.04
C LYS A 83 -9.84 12.74 14.28
N ASP A 84 -10.66 13.02 13.28
CA ASP A 84 -12.08 12.76 13.44
C ASP A 84 -12.48 11.55 12.60
N ASN A 85 -11.47 10.84 12.10
CA ASN A 85 -11.65 9.64 11.27
C ASN A 85 -12.35 9.92 9.94
N ILE A 86 -12.02 11.07 9.36
CA ILE A 86 -12.56 11.47 8.08
C ILE A 86 -11.50 11.17 7.01
N LEU A 87 -11.88 10.36 6.02
CA LEU A 87 -10.99 9.98 4.94
C LEU A 87 -10.51 11.26 4.26
N SER A 88 -9.18 11.44 4.21
CA SER A 88 -8.57 12.63 3.63
C SER A 88 -7.57 12.28 2.52
N GLU A 89 -7.23 13.27 1.71
CA GLU A 89 -6.34 13.03 0.58
C GLU A 89 -5.32 14.13 0.32
N PHE A 90 -4.07 13.75 0.13
CA PHE A 90 -3.03 14.73 -0.19
C PHE A 90 -2.71 14.54 -1.67
N VAL A 91 -2.50 15.65 -2.35
CA VAL A 91 -2.26 15.63 -3.79
C VAL A 91 -0.94 16.21 -4.21
N TYR A 92 -0.22 15.49 -5.07
CA TYR A 92 1.01 16.02 -5.63
C TYR A 92 0.55 16.25 -7.07
N ASP A 93 0.47 17.51 -7.48
CA ASP A 93 -0.04 17.85 -8.80
C ASP A 93 0.97 17.90 -9.95
N GLY A 94 2.16 17.37 -9.73
CA GLY A 94 3.15 17.40 -10.78
C GLY A 94 4.24 18.40 -10.44
N SER A 95 3.95 19.31 -9.52
CA SER A 95 4.95 20.30 -9.11
C SER A 95 4.94 20.58 -7.62
N LYS A 96 3.78 20.45 -6.97
CA LYS A 96 3.72 20.72 -5.54
C LYS A 96 2.67 19.88 -4.82
N TRP A 97 2.77 19.86 -3.49
CA TRP A 97 1.83 19.12 -2.63
C TRP A 97 0.70 19.99 -2.11
N ILE A 98 -0.54 19.56 -2.33
CA ILE A 98 -1.70 20.28 -1.84
C ILE A 98 -2.70 19.30 -1.24
N THR A 99 -3.85 19.81 -0.83
CA THR A 99 -4.88 18.97 -0.24
C THR A 99 -5.95 18.65 -1.27
N GLY A 100 -6.34 17.38 -1.32
CA GLY A 100 -7.36 16.96 -2.27
C GLY A 100 -8.78 17.27 -1.83
N GLN A 101 -9.72 17.05 -2.73
CA GLN A 101 -11.12 17.32 -2.48
C GLN A 101 -11.86 16.24 -1.69
N LEU A 102 -11.29 15.05 -1.60
CA LEU A 102 -11.96 13.95 -0.89
C LEU A 102 -12.37 14.25 0.54
N GLY A 103 -11.55 15.00 1.28
CA GLY A 103 -11.89 15.31 2.65
C GLY A 103 -13.24 16.00 2.80
N SER A 104 -13.55 16.90 1.87
CA SER A 104 -14.81 17.65 1.92
C SER A 104 -16.05 16.79 1.73
N VAL A 105 -15.87 15.57 1.22
CA VAL A 105 -16.99 14.67 1.02
C VAL A 105 -17.45 14.11 2.36
N GLY A 106 -16.59 14.19 3.37
CA GLY A 106 -16.94 13.71 4.69
C GLY A 106 -17.17 12.22 4.89
N VAL A 107 -16.32 11.39 4.30
CA VAL A 107 -16.46 9.94 4.47
C VAL A 107 -15.87 9.53 5.83
N LYS A 108 -16.68 8.90 6.67
CA LYS A 108 -16.23 8.46 7.99
C LYS A 108 -15.68 7.04 7.91
N VAL A 109 -14.57 6.82 8.59
CA VAL A 109 -13.92 5.51 8.59
C VAL A 109 -13.86 4.93 10.01
N GLY A 110 -13.89 3.61 10.10
CA GLY A 110 -13.79 2.97 11.41
C GLY A 110 -12.40 3.31 11.92
N SER A 111 -12.28 3.55 13.23
CA SER A 111 -10.99 3.92 13.80
C SER A 111 -9.85 2.94 13.52
N ASN A 112 -10.16 1.65 13.48
CA ASN A 112 -9.14 0.63 13.22
C ASN A 112 -9.09 0.14 11.78
N SER A 113 -9.73 0.86 10.87
CA SER A 113 -9.75 0.47 9.47
C SER A 113 -8.42 0.69 8.76
N LYS A 114 -8.14 -0.14 7.77
CA LYS A 114 -6.92 0.03 6.97
C LYS A 114 -7.42 0.65 5.67
N LEU A 115 -6.50 1.03 4.79
CA LEU A 115 -6.87 1.63 3.52
C LEU A 115 -6.10 0.95 2.40
N ALA A 116 -6.69 0.95 1.21
CA ALA A 116 -6.06 0.41 0.02
C ALA A 116 -6.62 1.24 -1.12
N ALA A 117 -5.82 1.43 -2.17
CA ALA A 117 -6.26 2.20 -3.30
C ALA A 117 -5.59 1.67 -4.56
N LEU A 118 -6.25 1.88 -5.69
CA LEU A 118 -5.73 1.46 -6.99
C LEU A 118 -6.15 2.50 -8.02
N GLN A 119 -5.49 2.48 -9.17
CA GLN A 119 -5.76 3.44 -10.22
C GLN A 119 -5.47 2.80 -11.56
N TRP A 120 -6.16 3.26 -12.60
CA TRP A 120 -5.94 2.77 -13.96
C TRP A 120 -6.48 3.78 -14.96
N GLY A 121 -5.85 3.83 -16.12
CA GLY A 121 -6.30 4.71 -17.17
C GLY A 121 -5.59 6.04 -17.25
N GLY A 122 -5.15 6.55 -16.10
CA GLY A 122 -4.47 7.83 -16.06
C GLY A 122 -3.24 7.90 -16.95
N SER A 123 -3.18 8.94 -17.78
CA SER A 123 -2.05 9.14 -18.69
C SER A 123 -2.07 10.60 -19.08
N GLU A 124 -1.14 10.98 -19.96
CA GLU A 124 -1.07 12.36 -20.42
C GLU A 124 -2.30 12.75 -21.21
N SER A 125 -2.98 11.77 -21.79
CA SER A 125 -4.16 12.05 -22.59
C SER A 125 -5.49 11.58 -22.00
N ALA A 126 -5.44 10.90 -20.86
CA ALA A 126 -6.67 10.41 -20.24
C ALA A 126 -6.72 10.67 -18.73
N PRO A 127 -7.92 10.80 -18.17
CA PRO A 127 -8.09 11.04 -16.73
C PRO A 127 -7.98 9.71 -15.99
N PRO A 128 -7.56 9.73 -14.72
CA PRO A 128 -7.44 8.49 -13.96
C PRO A 128 -8.76 7.98 -13.42
N ASN A 129 -8.76 6.71 -13.03
CA ASN A 129 -9.91 6.07 -12.41
C ASN A 129 -9.34 5.59 -11.09
N ILE A 130 -9.76 6.21 -9.99
CA ILE A 130 -9.27 5.85 -8.68
C ILE A 130 -10.33 5.16 -7.83
N ARG A 131 -9.90 4.17 -7.05
CA ARG A 131 -10.79 3.45 -6.16
C ARG A 131 -10.08 3.38 -4.80
N VAL A 132 -10.79 3.72 -3.74
CA VAL A 132 -10.24 3.69 -2.39
C VAL A 132 -11.09 2.72 -1.59
N TYR A 133 -10.45 1.80 -0.87
CA TYR A 133 -11.18 0.82 -0.07
C TYR A 133 -10.93 1.06 1.40
N TYR A 134 -11.98 0.90 2.20
CA TYR A 134 -11.89 1.15 3.63
C TYR A 134 -13.04 0.43 4.32
N GLN A 135 -13.09 0.55 5.64
CA GLN A 135 -14.17 -0.06 6.39
C GLN A 135 -14.82 0.98 7.30
N LYS A 136 -16.12 0.82 7.56
CA LYS A 136 -16.85 1.75 8.40
C LYS A 136 -16.88 1.35 9.87
N SER A 137 -16.84 0.05 10.13
CA SER A 137 -16.85 -0.42 11.51
C SER A 137 -15.68 -1.35 11.79
N ASN A 138 -15.31 -1.44 13.07
CA ASN A 138 -14.19 -2.27 13.50
C ASN A 138 -14.64 -3.66 13.94
N GLY A 139 -15.94 -3.92 13.90
CA GLY A 139 -16.44 -5.21 14.32
C GLY A 139 -16.12 -6.38 13.39
N SER A 140 -16.10 -7.57 13.95
CA SER A 140 -15.83 -8.78 13.18
C SER A 140 -17.01 -8.98 12.22
N GLY A 141 -16.71 -9.47 11.02
CA GLY A 141 -17.77 -9.68 10.05
C GLY A 141 -18.11 -8.43 9.24
N SER A 142 -17.39 -7.34 9.46
CA SER A 142 -17.65 -6.09 8.74
C SER A 142 -17.30 -6.26 7.26
N SER A 143 -17.87 -5.40 6.41
CA SER A 143 -17.58 -5.50 4.99
C SER A 143 -16.61 -4.42 4.58
N ILE A 144 -16.17 -4.50 3.33
CA ILE A 144 -15.26 -3.55 2.76
C ILE A 144 -16.08 -2.59 1.90
N HIS A 145 -15.78 -1.29 2.00
CA HIS A 145 -16.50 -0.29 1.22
C HIS A 145 -15.55 0.34 0.23
N GLU A 146 -16.12 0.92 -0.82
CA GLU A 146 -15.32 1.52 -1.87
C GLU A 146 -15.82 2.91 -2.25
N TYR A 147 -14.89 3.81 -2.51
CA TYR A 147 -15.25 5.13 -2.96
C TYR A 147 -14.62 5.25 -4.32
N VAL A 148 -15.38 5.85 -5.23
CA VAL A 148 -14.98 5.96 -6.62
C VAL A 148 -14.74 7.36 -7.13
N TRP A 149 -13.66 7.54 -7.90
CA TRP A 149 -13.42 8.83 -8.52
C TRP A 149 -13.31 8.65 -10.02
N SER A 150 -14.27 9.23 -10.74
CA SER A 150 -14.31 9.20 -12.19
C SER A 150 -14.89 10.55 -12.58
N GLY A 151 -14.20 11.62 -12.21
CA GLY A 151 -14.68 12.95 -12.52
C GLY A 151 -15.11 13.62 -11.22
N LYS A 152 -15.63 12.82 -10.30
CA LYS A 152 -16.07 13.31 -9.01
C LYS A 152 -16.11 12.10 -8.07
N TRP A 153 -16.09 12.34 -6.76
CA TRP A 153 -16.13 11.26 -5.79
C TRP A 153 -17.55 10.78 -5.53
N THR A 154 -17.76 9.47 -5.54
CA THR A 154 -19.08 8.91 -5.26
C THR A 154 -18.90 7.55 -4.60
N ALA A 155 -19.88 7.13 -3.83
CA ALA A 155 -19.81 5.85 -3.15
C ALA A 155 -19.81 4.73 -4.17
N GLY A 156 -19.10 3.66 -3.85
CA GLY A 156 -19.03 2.51 -4.73
C GLY A 156 -19.69 1.30 -4.09
N ALA A 157 -19.15 0.11 -4.34
CA ALA A 157 -19.73 -1.09 -3.77
C ALA A 157 -19.27 -1.39 -2.36
N SER A 158 -19.83 -2.46 -1.80
CA SER A 158 -19.45 -2.92 -0.47
C SER A 158 -19.52 -4.44 -0.61
N PHE A 159 -18.57 -5.15 -0.01
CA PHE A 159 -18.56 -6.61 -0.15
C PHE A 159 -17.72 -7.27 0.94
N GLY A 160 -17.78 -8.60 0.99
CA GLY A 160 -17.01 -9.37 1.95
C GLY A 160 -17.39 -9.26 3.42
N SER A 161 -16.90 -10.21 4.19
CA SER A 161 -17.13 -10.28 5.63
C SER A 161 -15.71 -10.55 6.16
N THR A 162 -15.17 -9.59 6.89
CA THR A 162 -13.78 -9.70 7.34
C THR A 162 -13.51 -9.75 8.82
N VAL A 163 -12.23 -9.97 9.14
CA VAL A 163 -11.79 -9.95 10.52
C VAL A 163 -11.74 -8.45 10.84
N PRO A 164 -11.81 -8.09 12.12
CA PRO A 164 -11.78 -6.67 12.53
C PRO A 164 -10.55 -5.95 11.99
N GLY A 165 -10.75 -4.80 11.34
CA GLY A 165 -9.63 -4.04 10.82
C GLY A 165 -8.67 -4.82 9.94
N THR A 166 -9.23 -5.66 9.08
CA THR A 166 -8.45 -6.49 8.16
C THR A 166 -7.47 -5.73 7.29
N GLY A 167 -6.39 -6.40 6.91
CA GLY A 167 -5.46 -5.76 6.00
C GLY A 167 -6.19 -5.76 4.66
N ILE A 168 -5.79 -4.89 3.76
CA ILE A 168 -6.43 -4.83 2.46
C ILE A 168 -5.41 -4.66 1.36
N GLY A 169 -5.46 -5.53 0.36
CA GLY A 169 -4.55 -5.42 -0.76
C GLY A 169 -5.39 -5.13 -1.99
N ALA A 170 -4.98 -4.18 -2.83
CA ALA A 170 -5.76 -3.87 -4.01
C ALA A 170 -4.87 -3.60 -5.21
N THR A 171 -5.21 -4.19 -6.34
CA THR A 171 -4.42 -3.95 -7.54
C THR A 171 -5.26 -4.00 -8.81
N ALA A 172 -4.93 -3.17 -9.79
CA ALA A 172 -5.64 -3.15 -11.05
C ALA A 172 -4.81 -4.05 -11.97
N ILE A 173 -5.29 -5.26 -12.23
CA ILE A 173 -4.55 -6.21 -13.07
C ILE A 173 -4.68 -5.88 -14.56
N GLY A 174 -5.62 -5.02 -14.88
CA GLY A 174 -5.83 -4.61 -16.26
C GLY A 174 -6.76 -3.43 -16.25
N PRO A 175 -7.00 -2.79 -17.41
CA PRO A 175 -7.90 -1.63 -17.42
C PRO A 175 -9.27 -2.10 -16.98
N GLY A 176 -9.77 -1.54 -15.89
CA GLY A 176 -11.08 -1.93 -15.39
C GLY A 176 -11.19 -3.32 -14.78
N ARG A 177 -10.06 -3.98 -14.54
CA ARG A 177 -10.08 -5.31 -13.92
C ARG A 177 -9.42 -5.18 -12.55
N LEU A 178 -10.22 -5.34 -11.51
CA LEU A 178 -9.77 -5.17 -10.14
C LEU A 178 -9.74 -6.44 -9.31
N ARG A 179 -8.77 -6.53 -8.42
CA ARG A 179 -8.62 -7.66 -7.50
C ARG A 179 -8.35 -7.07 -6.12
N ILE A 180 -9.14 -7.48 -5.14
CA ILE A 180 -8.99 -6.98 -3.76
C ILE A 180 -8.76 -8.19 -2.86
N TYR A 181 -7.78 -8.09 -1.97
CA TYR A 181 -7.47 -9.18 -1.05
C TYR A 181 -7.64 -8.73 0.39
N TYR A 182 -8.27 -9.56 1.19
CA TYR A 182 -8.52 -9.21 2.57
C TYR A 182 -8.59 -10.52 3.35
N GLN A 183 -8.70 -10.41 4.67
CA GLN A 183 -8.76 -11.60 5.51
C GLN A 183 -10.19 -11.83 6.00
N ALA A 184 -10.76 -12.98 5.65
CA ALA A 184 -12.12 -13.32 6.05
C ALA A 184 -12.18 -13.71 7.52
N THR A 185 -13.39 -13.76 8.06
CA THR A 185 -13.60 -14.11 9.47
C THR A 185 -12.99 -15.46 9.87
N ASP A 186 -12.66 -16.31 8.90
CA ASP A 186 -12.06 -17.59 9.22
C ASP A 186 -10.53 -17.54 9.10
N ASN A 187 -9.99 -16.33 8.99
CA ASN A 187 -8.55 -16.10 8.87
C ASN A 187 -7.94 -16.44 7.53
N LYS A 188 -8.76 -16.85 6.57
CA LYS A 188 -8.24 -17.15 5.25
C LYS A 188 -8.25 -15.88 4.42
N ILE A 189 -7.20 -15.68 3.66
CA ILE A 189 -7.13 -14.51 2.79
C ILE A 189 -8.00 -14.84 1.59
N ARG A 190 -8.92 -13.93 1.28
CA ARG A 190 -9.85 -14.10 0.16
C ARG A 190 -9.61 -13.06 -0.92
N GLU A 191 -10.28 -13.25 -2.05
CA GLU A 191 -10.13 -12.36 -3.19
C GLU A 191 -11.49 -11.97 -3.78
N HIS A 192 -11.65 -10.68 -4.08
CA HIS A 192 -12.90 -10.23 -4.69
C HIS A 192 -12.52 -9.67 -6.04
N CYS A 193 -13.33 -9.95 -7.06
CA CYS A 193 -13.00 -9.50 -8.41
C CYS A 193 -14.03 -8.67 -9.15
N TRP A 194 -13.53 -7.83 -10.03
CA TRP A 194 -14.37 -7.00 -10.91
C TRP A 194 -13.66 -7.03 -12.25
N ASP A 195 -14.26 -7.68 -13.23
CA ASP A 195 -13.65 -7.78 -14.55
C ASP A 195 -14.26 -6.84 -15.57
N SER A 196 -15.54 -6.52 -15.41
CA SER A 196 -16.19 -5.62 -16.35
C SER A 196 -17.56 -5.11 -15.92
N ASN A 197 -18.46 -6.03 -15.58
CA ASN A 197 -19.81 -5.67 -15.22
C ASN A 197 -20.28 -5.99 -13.80
N SER A 198 -19.51 -6.75 -13.04
CA SER A 198 -19.95 -7.07 -11.68
C SER A 198 -18.85 -7.64 -10.79
N TRP A 199 -19.08 -7.59 -9.48
CA TRP A 199 -18.14 -8.12 -8.49
C TRP A 199 -18.46 -9.60 -8.25
N TYR A 200 -17.44 -10.38 -7.91
CA TYR A 200 -17.62 -11.80 -7.64
C TYR A 200 -16.42 -12.35 -6.88
N VAL A 201 -16.68 -13.36 -6.05
CA VAL A 201 -15.63 -13.99 -5.26
C VAL A 201 -14.62 -14.66 -6.18
N GLY A 202 -13.34 -14.36 -5.97
CA GLY A 202 -12.28 -14.94 -6.79
C GLY A 202 -11.92 -16.33 -6.33
N GLY A 203 -11.09 -17.01 -7.10
CA GLY A 203 -10.69 -18.37 -6.75
C GLY A 203 -9.58 -18.48 -5.72
N PHE A 204 -8.78 -17.42 -5.56
CA PHE A 204 -7.68 -17.45 -4.60
C PHE A 204 -8.13 -17.58 -3.16
N SER A 205 -7.36 -18.35 -2.40
CA SER A 205 -7.65 -18.58 -0.99
C SER A 205 -6.40 -19.12 -0.33
N ALA A 206 -6.13 -18.67 0.90
CA ALA A 206 -4.94 -19.14 1.61
C ALA A 206 -5.07 -18.91 3.11
N SER A 207 -4.53 -19.82 3.91
CA SER A 207 -4.57 -19.68 5.36
C SER A 207 -3.47 -18.75 5.84
N ALA A 208 -3.79 -17.92 6.84
CA ALA A 208 -2.80 -17.00 7.37
C ALA A 208 -3.07 -16.72 8.84
N SER A 209 -2.05 -16.26 9.55
CA SER A 209 -2.21 -15.90 10.96
C SER A 209 -3.20 -14.75 11.02
N ALA A 210 -3.95 -14.67 12.12
CA ALA A 210 -4.92 -13.59 12.28
C ALA A 210 -4.25 -12.22 12.35
N GLY A 211 -4.86 -11.24 11.67
CA GLY A 211 -4.34 -9.89 11.69
C GLY A 211 -3.12 -9.57 10.85
N VAL A 212 -2.85 -10.36 9.81
CA VAL A 212 -1.70 -10.08 8.97
C VAL A 212 -1.93 -8.81 8.16
N SER A 213 -0.82 -8.18 7.76
CA SER A 213 -0.85 -6.99 6.94
C SER A 213 -0.77 -7.56 5.51
N ILE A 214 -1.55 -7.02 4.59
CA ILE A 214 -1.61 -7.53 3.22
C ILE A 214 -1.29 -6.48 2.14
N ALA A 215 -0.63 -6.92 1.07
CA ALA A 215 -0.28 -6.04 -0.04
C ALA A 215 -0.40 -6.84 -1.32
N ALA A 216 -0.62 -6.15 -2.44
CA ALA A 216 -0.75 -6.85 -3.71
C ALA A 216 -0.28 -5.99 -4.86
N ILE A 217 0.35 -6.63 -5.84
CA ILE A 217 0.84 -5.94 -7.04
C ILE A 217 0.55 -6.82 -8.23
N SER A 218 0.68 -6.26 -9.44
CA SER A 218 0.43 -7.02 -10.65
C SER A 218 1.07 -6.35 -11.84
N TRP A 219 1.26 -7.12 -12.91
CA TRP A 219 1.87 -6.58 -14.13
C TRP A 219 1.75 -7.59 -15.25
N GLY A 220 2.05 -7.15 -16.48
CA GLY A 220 2.03 -8.03 -17.63
C GLY A 220 0.71 -8.36 -18.30
N SER A 221 0.81 -9.17 -19.36
CA SER A 221 -0.33 -9.60 -20.15
C SER A 221 -1.03 -10.84 -19.65
N THR A 222 -0.37 -11.65 -18.84
CA THR A 222 -0.99 -12.87 -18.38
C THR A 222 -2.32 -12.73 -17.64
N PRO A 223 -2.39 -11.85 -16.62
CA PRO A 223 -1.35 -10.99 -16.05
C PRO A 223 -0.76 -11.72 -14.84
N ASN A 224 0.31 -11.17 -14.29
CA ASN A 224 0.95 -11.78 -13.12
C ASN A 224 0.53 -10.99 -11.88
N ILE A 225 0.26 -11.71 -10.80
CA ILE A 225 -0.16 -11.10 -9.56
C ILE A 225 0.67 -11.69 -8.43
N ARG A 226 1.05 -10.85 -7.46
CA ARG A 226 1.80 -11.29 -6.28
C ARG A 226 1.05 -10.74 -5.08
N VAL A 227 0.66 -11.60 -4.16
CA VAL A 227 -0.05 -11.18 -2.95
C VAL A 227 0.89 -11.45 -1.77
N TYR A 228 1.13 -10.42 -0.95
CA TYR A 228 2.00 -10.56 0.20
C TYR A 228 1.26 -10.35 1.52
N TRP A 229 1.64 -11.10 2.54
CA TRP A 229 1.04 -10.90 3.84
C TRP A 229 2.10 -11.20 4.89
N GLN A 230 1.97 -10.54 6.03
CA GLN A 230 2.94 -10.70 7.09
C GLN A 230 2.39 -10.27 8.43
N LYS A 231 2.74 -11.06 9.44
CA LYS A 231 2.38 -10.82 10.82
C LYS A 231 3.72 -10.38 11.40
N GLY A 232 3.75 -9.27 12.15
CA GLY A 232 4.98 -8.79 12.73
C GLY A 232 5.73 -9.88 13.49
N ARG A 233 7.05 -9.95 13.28
CA ARG A 233 7.90 -10.93 13.94
C ARG A 233 7.74 -12.35 13.38
N GLU A 234 7.09 -12.46 12.23
CA GLU A 234 6.93 -13.74 11.54
C GLU A 234 7.54 -13.48 10.17
N GLU A 235 7.61 -14.49 9.31
CA GLU A 235 8.21 -14.25 8.01
C GLU A 235 7.18 -13.83 6.96
N LEU A 236 7.67 -13.15 5.93
CA LEU A 236 6.83 -12.69 4.84
C LEU A 236 6.37 -13.85 3.94
N TYR A 237 5.09 -13.83 3.56
CA TYR A 237 4.54 -14.86 2.68
C TYR A 237 4.20 -14.25 1.32
N GLU A 238 4.36 -15.04 0.27
CA GLU A 238 4.04 -14.59 -1.08
C GLU A 238 3.26 -15.65 -1.85
N ALA A 239 2.15 -15.23 -2.47
CA ALA A 239 1.34 -16.10 -3.30
C ALA A 239 1.58 -15.49 -4.68
N ALA A 240 1.89 -16.33 -5.66
CA ALA A 240 2.15 -15.84 -7.01
C ALA A 240 1.22 -16.44 -8.07
N TYR A 241 0.62 -15.56 -8.86
CA TYR A 241 -0.28 -15.96 -9.92
C TYR A 241 0.43 -15.65 -11.23
N GLY A 242 0.50 -16.64 -12.11
CA GLY A 242 1.16 -16.45 -13.40
C GLY A 242 0.33 -17.13 -14.46
N GLY A 243 -0.98 -17.23 -14.20
CA GLY A 243 -1.90 -17.89 -15.09
C GLY A 243 -2.75 -18.78 -14.21
N SER A 244 -2.21 -19.06 -13.02
CA SER A 244 -2.84 -19.89 -12.01
C SER A 244 -2.03 -19.64 -10.74
N TRP A 245 -2.60 -19.97 -9.58
CA TRP A 245 -1.89 -19.72 -8.32
C TRP A 245 -0.98 -20.85 -7.86
N ASN A 246 0.19 -20.49 -7.35
CA ASN A 246 1.13 -21.49 -6.84
C ASN A 246 0.77 -21.75 -5.36
N THR A 247 1.70 -22.35 -4.62
CA THR A 247 1.48 -22.58 -3.20
C THR A 247 2.23 -21.45 -2.50
N PRO A 248 1.56 -20.72 -1.60
CA PRO A 248 2.24 -19.61 -0.91
C PRO A 248 3.52 -20.08 -0.23
N GLY A 249 4.57 -19.28 -0.34
CA GLY A 249 5.84 -19.63 0.28
C GLY A 249 6.38 -18.45 1.04
N GLN A 250 7.36 -18.69 1.92
CA GLN A 250 7.94 -17.61 2.70
C GLN A 250 9.13 -17.01 2.01
N ILE A 251 9.30 -15.71 2.21
CA ILE A 251 10.43 -14.99 1.66
C ILE A 251 11.23 -14.70 2.91
N LYS A 252 12.41 -15.29 3.01
CA LYS A 252 13.23 -15.08 4.18
C LYS A 252 14.72 -15.20 3.97
N ASP A 253 15.45 -14.74 4.96
CA ASP A 253 16.90 -14.76 4.98
C ASP A 253 17.29 -15.61 6.19
N ALA A 254 18.02 -16.69 5.96
CA ALA A 254 18.43 -17.58 7.03
C ALA A 254 19.25 -16.88 8.11
N SER A 255 20.03 -15.89 7.71
CA SER A 255 20.87 -15.16 8.66
C SER A 255 20.18 -13.96 9.32
N ARG A 256 18.93 -13.69 8.96
CA ARG A 256 18.17 -12.59 9.54
C ARG A 256 16.72 -13.01 9.65
N PRO A 257 16.42 -13.94 10.56
CA PRO A 257 15.07 -14.45 10.79
C PRO A 257 14.10 -13.38 11.27
N THR A 258 12.83 -13.55 10.90
CA THR A 258 11.74 -12.66 11.31
C THR A 258 12.24 -11.24 11.67
N PRO A 259 12.79 -10.51 10.70
CA PRO A 259 13.32 -9.16 10.89
C PRO A 259 12.35 -8.03 11.25
N SER A 260 11.05 -8.26 11.11
CA SER A 260 10.10 -7.20 11.43
C SER A 260 9.70 -7.20 12.91
N LEU A 261 9.28 -6.05 13.39
CA LEU A 261 8.85 -5.93 14.77
C LEU A 261 7.41 -6.40 14.87
N PRO A 262 6.96 -6.77 16.07
CA PRO A 262 5.59 -7.24 16.27
C PRO A 262 4.57 -6.15 15.94
N ASP A 263 3.37 -6.56 15.54
CA ASP A 263 2.30 -5.61 15.27
C ASP A 263 2.57 -4.52 14.24
N THR A 264 3.49 -4.76 13.31
CA THR A 264 3.82 -3.78 12.27
C THR A 264 3.12 -4.06 10.93
N PHE A 265 3.34 -3.18 9.96
CA PHE A 265 2.68 -3.32 8.66
C PHE A 265 3.67 -3.37 7.50
N ILE A 266 3.17 -3.70 6.31
CA ILE A 266 4.01 -3.74 5.13
C ILE A 266 3.32 -2.97 4.01
N ALA A 267 4.07 -2.74 2.95
CA ALA A 267 3.57 -2.07 1.76
C ALA A 267 4.43 -2.63 0.63
N ALA A 268 3.90 -2.66 -0.58
CA ALA A 268 4.68 -3.17 -1.70
C ALA A 268 4.45 -2.29 -2.92
N ASN A 269 5.44 -2.23 -3.80
CA ASN A 269 5.28 -1.48 -5.04
C ASN A 269 5.92 -2.29 -6.16
N SER A 270 5.73 -1.85 -7.39
CA SER A 270 6.28 -2.53 -8.54
C SER A 270 6.22 -1.60 -9.74
N SER A 271 7.07 -1.85 -10.71
CA SER A 271 7.10 -1.06 -11.94
C SER A 271 7.96 -1.80 -12.96
N GLY A 272 7.92 -1.37 -14.21
CA GLY A 272 8.71 -2.01 -15.24
C GLY A 272 8.34 -3.47 -15.42
N ASN A 273 9.33 -4.29 -15.77
CA ASN A 273 9.09 -5.71 -15.95
C ASN A 273 10.32 -6.52 -15.60
N ILE A 274 10.52 -6.81 -14.32
CA ILE A 274 9.60 -6.40 -13.27
C ILE A 274 10.42 -6.13 -12.01
N ASP A 275 10.15 -5.00 -11.36
CA ASP A 275 10.84 -4.64 -10.12
C ASP A 275 9.82 -4.61 -8.99
N ILE A 276 10.18 -5.22 -7.87
CA ILE A 276 9.28 -5.30 -6.72
C ILE A 276 10.00 -4.95 -5.42
N SER A 277 9.32 -4.20 -4.56
CA SER A 277 9.86 -3.85 -3.24
C SER A 277 8.77 -4.10 -2.21
N VAL A 278 9.15 -4.71 -1.09
CA VAL A 278 8.19 -4.95 0.00
C VAL A 278 8.81 -4.30 1.23
N PHE A 279 8.13 -3.30 1.77
CA PHE A 279 8.63 -2.57 2.92
C PHE A 279 8.10 -3.09 4.24
N PHE A 280 8.93 -2.99 5.26
CA PHE A 280 8.51 -3.43 6.58
C PHE A 280 9.22 -2.59 7.64
N GLN A 281 8.74 -2.68 8.88
CA GLN A 281 9.33 -1.90 9.96
C GLN A 281 10.14 -2.81 10.88
N ALA A 282 11.41 -2.46 11.07
CA ALA A 282 12.31 -3.25 11.90
C ALA A 282 12.89 -2.46 13.07
N SER A 283 13.73 -3.14 13.83
CA SER A 283 14.40 -2.56 14.98
C SER A 283 15.14 -1.31 14.51
N GLY A 284 15.15 -0.26 15.32
CA GLY A 284 15.82 0.96 14.88
C GLY A 284 15.30 2.23 15.54
N VAL A 285 14.03 2.60 15.37
CA VAL A 285 13.04 1.89 14.54
C VAL A 285 13.34 2.25 13.09
N SER A 286 13.59 1.24 12.25
CA SER A 286 13.94 1.51 10.88
C SER A 286 12.93 1.07 9.82
N LEU A 287 13.02 1.69 8.66
CA LEU A 287 12.15 1.37 7.54
C LEU A 287 13.01 0.58 6.57
N GLN A 288 12.68 -0.70 6.41
CA GLN A 288 13.48 -1.54 5.53
C GLN A 288 12.70 -2.12 4.37
N GLN A 289 13.40 -2.75 3.44
CA GLN A 289 12.74 -3.32 2.28
C GLN A 289 13.35 -4.60 1.75
N TRP A 290 12.47 -5.47 1.29
CA TRP A 290 12.89 -6.71 0.65
C TRP A 290 12.94 -6.28 -0.80
N GLN A 291 13.98 -6.67 -1.53
CA GLN A 291 14.00 -6.31 -2.94
C GLN A 291 14.11 -7.55 -3.82
N TRP A 292 13.40 -7.50 -4.92
CA TRP A 292 13.38 -8.60 -5.85
C TRP A 292 14.21 -8.28 -7.07
N ILE A 293 15.12 -9.20 -7.41
CA ILE A 293 15.96 -9.05 -8.58
C ILE A 293 15.63 -10.26 -9.42
N SER A 294 14.68 -10.08 -10.34
CA SER A 294 14.20 -11.13 -11.23
C SER A 294 15.26 -12.16 -11.62
N GLY A 295 14.89 -13.44 -11.44
CA GLY A 295 15.81 -14.51 -11.74
C GLY A 295 16.60 -14.91 -10.51
N LYS A 296 17.32 -13.94 -9.94
CA LYS A 296 18.15 -14.18 -8.74
C LYS A 296 17.25 -14.52 -7.58
N GLY A 297 16.63 -13.48 -7.00
CA GLY A 297 15.74 -13.70 -5.89
C GLY A 297 15.57 -12.51 -4.98
N TRP A 298 15.09 -12.81 -3.78
CA TRP A 298 14.85 -11.81 -2.76
C TRP A 298 16.01 -11.60 -1.80
N SER A 299 16.24 -10.35 -1.45
CA SER A 299 17.28 -10.01 -0.48
C SER A 299 16.84 -8.72 0.19
N ILE A 300 17.28 -8.52 1.42
CA ILE A 300 16.93 -7.31 2.15
C ILE A 300 17.81 -6.20 1.57
N GLY A 301 17.20 -5.09 1.19
CA GLY A 301 17.94 -4.00 0.59
C GLY A 301 18.33 -2.85 1.52
N ALA A 302 18.64 -1.72 0.91
CA ALA A 302 19.04 -0.53 1.65
C ALA A 302 18.01 -0.07 2.67
N VAL A 303 18.48 0.57 3.74
CA VAL A 303 17.58 1.07 4.76
C VAL A 303 17.09 2.46 4.34
N VAL A 304 15.81 2.72 4.53
CA VAL A 304 15.24 4.01 4.18
C VAL A 304 15.40 4.97 5.36
N PRO A 305 15.93 6.19 5.12
CA PRO A 305 16.10 7.15 6.21
C PRO A 305 14.77 7.64 6.75
N THR A 306 14.65 7.67 8.08
CA THR A 306 13.43 8.11 8.72
C THR A 306 13.67 9.17 9.81
N GLY A 307 14.74 9.95 9.65
CA GLY A 307 15.03 11.01 10.61
C GLY A 307 15.80 10.62 11.86
N THR A 308 16.29 11.65 12.55
CA THR A 308 17.04 11.47 13.79
C THR A 308 16.55 12.55 14.74
N PRO A 309 16.01 12.16 15.91
CA PRO A 309 15.53 13.19 16.84
C PRO A 309 16.65 14.02 17.45
N ALA A 310 16.30 15.21 17.92
CA ALA A 310 17.27 16.12 18.54
C ALA A 310 17.82 15.48 19.80
N GLY A 311 19.14 15.57 19.96
CA GLY A 311 19.80 15.01 21.12
C GLY A 311 20.48 13.71 20.78
N TRP A 312 20.39 13.30 19.52
CA TRP A 312 20.99 12.06 19.06
C TRP A 312 21.84 12.27 17.82
C1 FUL B . -7.88 16.10 -7.88
C2 FUL B . -8.27 15.76 -6.44
O2 FUL B . -8.67 16.94 -5.74
C3 FUL B . -9.42 14.75 -6.45
O3 FUL B . -9.78 14.42 -5.11
C4 FUL B . -8.97 13.51 -7.23
O4 FUL B . -7.83 12.94 -6.58
C5 FUL B . -8.57 13.93 -8.65
C6 FUL B . -8.07 12.77 -9.49
O5 FUL B . -7.51 14.91 -8.59
O1 FUL B . -6.79 16.93 -7.87
C1 FUL C . 10.02 14.88 -6.30
C2 FUL C . 9.63 14.89 -4.81
O2 FUL C . 10.35 15.90 -4.13
C3 FUL C . 8.13 15.15 -4.67
O3 FUL C . 7.77 15.09 -3.30
C4 FUL C . 7.35 14.11 -5.49
O4 FUL C . 7.60 12.82 -4.98
C5 FUL C . 7.83 14.19 -6.95
C6 FUL C . 7.13 13.22 -7.88
O5 FUL C . 9.24 13.91 -7.01
O1 FUL C . 11.36 14.54 -6.44
C1 FUC D . -10.04 -14.84 -11.71
C2 FUC D . -9.69 -15.20 -10.24
C3 FUC D . -8.23 -15.63 -10.10
C4 FUC D . -7.30 -14.50 -10.67
C5 FUC D . -7.67 -14.26 -12.16
C6 FUC D . -6.83 -13.18 -12.83
O1 FUC D . -10.02 -15.97 -12.50
O2 FUC D . -10.56 -16.21 -9.73
O3 FUC D . -7.93 -15.95 -8.75
O4 FUC D . -7.53 -13.28 -9.97
O5 FUC D . -9.08 -13.87 -12.27
S SO4 E . -20.68 -2.67 7.54
O1 SO4 E . -19.35 -3.20 7.15
O2 SO4 E . -20.52 -1.34 8.17
O3 SO4 E . -21.53 -2.54 6.34
O4 SO4 E . -21.31 -3.60 8.49
#